data_6D0M
#
_entry.id   6D0M
#
_cell.length_a   98.566
_cell.length_b   98.566
_cell.length_c   81.477
_cell.angle_alpha   90.00
_cell.angle_beta   90.00
_cell.angle_gamma   120.00
#
_symmetry.space_group_name_H-M   'P 61'
#
loop_
_entity.id
_entity.type
_entity.pdbx_description
1 polymer 'DNA polymerase eta'
2 polymer "DNA (5'-D(*CP*AP*TP*GP*AP*CP*AP*GP*TP*GP*CP*T)-3')"
3 polymer "DNA/RNA (5'-D(*AP*GP*CP*AP*CP*TP*GP*T)-R(P*(CAR))-3')"
4 non-polymer GLYCEROL
5 water water
#
loop_
_entity_poly.entity_id
_entity_poly.type
_entity_poly.pdbx_seq_one_letter_code
_entity_poly.pdbx_strand_id
1 'polypeptide(L)'
;GPHMATGQDRVVALVDMDCFFVQVEQRQNPHLRNKPCAVVQYKSWKGGGIIAVSYEARAFGVTRSMWADDAKKLCPDLLL
AQVRESRGKANLTKYREASVEVMEIMSRFAVIERASIDEAYVDLTSAVQERLQKLQGQPISADLLPSTYIEGLPQGPTTA
EETVQKEGMRKQGLFQWLDSLQIDNLTSPDLQLTVGAVIVEEMRAAIERETGFQCSAGISHNKVLAKLACGLNKPNRQTL
VSHGSVPQLFSQMPIRKIRSLGGKLGASVIEILGIEYMGELTQFTESQLQSHFGEKNGSWLYAMCRGIEHDPVKPRQLPK
TIGCSKNFPGKTALATREQVQWWLLQLAQELEERLTKDRNDNDRVATQLVVSIRVQGDKRLSSLRRCCALTRYDAHKMSH
DAFTVIKNMNTSGIQTEWSPPLTMLFLCATKFSAS
;
A
2 'polydeoxyribonucleotide' (DC)(DA)(DT)(DG)(DA)(DC)(DA)(DG)(DT)(DG)(DC)(DT) T
3 'polydeoxyribonucleotide' (DA)(DG)(DC)(DA)(DC)(DT)(DG)(DT)(CAR) P
#
loop_
_chem_comp.id
_chem_comp.type
_chem_comp.name
_chem_comp.formula
CAR RNA linking 'CYTOSINE ARABINOSE-5'-PHOSPHATE' 'C9 H14 N3 O8 P'
DA DNA linking 2'-DEOXYADENOSINE-5'-MONOPHOSPHATE 'C10 H14 N5 O6 P'
DC DNA linking 2'-DEOXYCYTIDINE-5'-MONOPHOSPHATE 'C9 H14 N3 O7 P'
DG DNA linking 2'-DEOXYGUANOSINE-5'-MONOPHOSPHATE 'C10 H14 N5 O7 P'
DT DNA linking THYMIDINE-5'-MONOPHOSPHATE 'C10 H15 N2 O8 P'
GOL non-polymer GLYCEROL 'C3 H8 O3'
#
# COMPACT_ATOMS: atom_id res chain seq x y z
N GLY A 1 -33.34 -5.01 -11.29
CA GLY A 1 -34.40 -5.72 -10.51
C GLY A 1 -33.87 -6.85 -9.63
N PRO A 2 -34.48 -8.04 -9.73
CA PRO A 2 -34.01 -9.18 -8.95
C PRO A 2 -32.86 -9.95 -9.60
N HIS A 3 -32.34 -9.49 -10.73
CA HIS A 3 -31.19 -10.11 -11.39
C HIS A 3 -30.00 -9.15 -11.49
N MET A 4 -30.06 -8.02 -10.79
CA MET A 4 -29.00 -7.02 -10.80
C MET A 4 -28.04 -7.35 -9.67
N ALA A 5 -26.87 -7.88 -10.02
CA ALA A 5 -25.85 -8.13 -9.03
C ALA A 5 -25.44 -6.81 -8.37
N THR A 6 -25.26 -6.85 -7.05
CA THR A 6 -24.93 -5.67 -6.27
C THR A 6 -23.50 -5.68 -5.76
N GLY A 7 -22.72 -6.71 -6.07
CA GLY A 7 -21.34 -6.77 -5.61
C GLY A 7 -21.22 -6.81 -4.11
N GLN A 8 -22.05 -7.62 -3.45
CA GLN A 8 -22.09 -7.70 -2.00
C GLN A 8 -21.73 -9.09 -1.49
N ASP A 9 -21.05 -9.87 -2.32
CA ASP A 9 -20.81 -11.28 -2.03
C ASP A 9 -19.61 -11.51 -1.11
N ARG A 10 -18.69 -10.56 -1.00
CA ARG A 10 -17.48 -10.74 -0.20
C ARG A 10 -17.39 -9.69 0.90
N VAL A 11 -16.60 -10.01 1.92
CA VAL A 11 -16.16 -9.03 2.91
C VAL A 11 -14.64 -8.90 2.76
N VAL A 12 -14.19 -7.70 2.42
CA VAL A 12 -12.79 -7.42 2.14
C VAL A 12 -12.32 -6.28 3.02
N ALA A 13 -11.13 -6.41 3.58
CA ALA A 13 -10.53 -5.34 4.36
C ALA A 13 -9.20 -4.96 3.76
N LEU A 14 -8.81 -3.71 4.00
CA LEU A 14 -7.49 -3.21 3.68
C LEU A 14 -6.92 -2.65 4.98
N VAL A 15 -5.79 -3.21 5.40
CA VAL A 15 -5.13 -2.80 6.64
C VAL A 15 -3.86 -2.05 6.26
N ASP A 16 -3.70 -0.85 6.81
CA ASP A 16 -2.60 0.03 6.47
C ASP A 16 -1.90 0.45 7.76
N MET A 17 -0.63 0.11 7.89
CA MET A 17 0.11 0.53 9.06
C MET A 17 0.31 2.04 9.01
N ASP A 18 -0.05 2.73 10.09
CA ASP A 18 0.08 4.18 10.15
C ASP A 18 1.55 4.58 10.08
N CYS A 19 1.88 5.53 9.19
CA CYS A 19 3.23 6.01 8.96
C CYS A 19 4.27 4.99 9.39
N PHE A 20 4.34 3.90 8.62
CA PHE A 20 4.95 2.67 9.12
C PHE A 20 6.42 2.84 9.47
N PHE A 21 7.23 3.41 8.56
CA PHE A 21 8.66 3.50 8.84
C PHE A 21 8.92 4.30 10.12
N VAL A 22 8.09 5.33 10.37
CA VAL A 22 8.21 6.12 11.59
C VAL A 22 7.92 5.26 12.80
N GLN A 23 6.82 4.49 12.75
CA GLN A 23 6.49 3.62 13.88
C GLN A 23 7.61 2.62 14.16
N VAL A 24 8.25 2.08 13.13
CA VAL A 24 9.36 1.16 13.35
C VAL A 24 10.46 1.86 14.14
N GLU A 25 10.81 3.09 13.73
CA GLU A 25 11.87 3.83 14.43
C GLU A 25 11.42 4.26 15.83
N GLN A 26 10.14 4.61 16.02
CA GLN A 26 9.64 4.99 17.33
C GLN A 26 9.60 3.82 18.29
N ARG A 27 9.30 2.62 17.78
CA ARG A 27 9.36 1.45 18.65
C ARG A 27 10.79 1.25 19.16
N GLN A 28 11.78 1.40 18.26
CA GLN A 28 13.18 1.16 18.60
C GLN A 28 13.74 2.24 19.51
N ASN A 29 13.35 3.50 19.29
CA ASN A 29 13.84 4.64 20.05
C ASN A 29 12.68 5.34 20.75
N PRO A 30 12.41 5.01 22.01
CA PRO A 30 11.25 5.62 22.70
C PRO A 30 11.28 7.14 22.75
N HIS A 31 12.45 7.77 22.66
CA HIS A 31 12.50 9.23 22.66
C HIS A 31 11.74 9.85 21.50
N LEU A 32 11.46 9.07 20.46
CA LEU A 32 10.77 9.58 19.29
C LEU A 32 9.25 9.42 19.39
N ARG A 33 8.75 8.70 20.39
CA ARG A 33 7.32 8.40 20.44
C ARG A 33 6.50 9.64 20.79
N ASN A 34 5.33 9.75 20.18
CA ASN A 34 4.38 10.84 20.46
C ASN A 34 5.01 12.22 20.25
N LYS A 35 5.90 12.32 19.27
CA LYS A 35 6.54 13.57 18.89
C LYS A 35 6.42 13.75 17.39
N PRO A 36 6.55 14.99 16.91
CA PRO A 36 6.73 15.20 15.47
C PRO A 36 8.04 14.57 15.02
N CYS A 37 7.95 13.56 14.19
N CYS A 37 7.94 13.57 14.16
CA CYS A 37 9.16 12.94 13.71
CA CYS A 37 9.07 12.73 13.78
C CYS A 37 8.95 12.41 12.30
N ALA A 38 10.10 12.21 11.64
CA ALA A 38 10.12 11.79 10.25
C ALA A 38 11.30 10.85 10.07
N VAL A 39 11.22 10.03 9.03
CA VAL A 39 12.33 9.20 8.61
C VAL A 39 12.98 9.85 7.40
N VAL A 40 14.30 9.98 7.44
CA VAL A 40 15.07 10.67 6.42
C VAL A 40 16.05 9.69 5.81
N GLN A 41 16.26 9.86 4.50
CA GLN A 41 17.10 9.00 3.70
C GLN A 41 18.27 9.83 3.19
N TYR A 42 19.48 9.43 3.58
CA TYR A 42 20.69 10.21 3.31
C TYR A 42 20.62 11.50 4.13
N LYS A 43 21.66 12.32 4.06
CA LYS A 43 21.69 13.50 4.93
C LYS A 43 22.49 14.66 4.35
N SER A 44 23.33 14.39 3.36
CA SER A 44 24.26 15.41 2.89
C SER A 44 23.60 16.46 2.01
N TRP A 45 22.73 16.05 1.09
CA TRP A 45 22.09 16.97 0.17
C TRP A 45 20.80 17.50 0.82
N LYS A 46 20.84 18.76 1.24
CA LYS A 46 19.68 19.47 1.79
C LYS A 46 19.09 18.76 3.01
N GLY A 47 19.95 18.07 3.77
CA GLY A 47 19.55 17.41 4.98
C GLY A 47 18.99 16.01 4.80
N GLY A 48 18.88 15.53 3.56
CA GLY A 48 18.29 14.24 3.30
C GLY A 48 16.85 14.34 2.87
N GLY A 49 16.36 13.26 2.27
CA GLY A 49 14.99 13.21 1.77
C GLY A 49 14.09 12.56 2.78
N ILE A 50 12.98 13.24 3.10
CA ILE A 50 11.97 12.69 4.00
CA ILE A 50 11.97 12.70 4.00
C ILE A 50 11.18 11.63 3.26
N ILE A 51 11.05 10.45 3.86
CA ILE A 51 10.30 9.37 3.25
C ILE A 51 9.10 8.89 4.09
N ALA A 52 8.98 9.33 5.34
CA ALA A 52 7.84 8.96 6.17
C ALA A 52 7.69 10.01 7.27
N VAL A 53 6.44 10.27 7.67
CA VAL A 53 6.14 11.42 8.51
C VAL A 53 5.08 11.04 9.55
N SER A 54 5.36 11.32 10.81
CA SER A 54 4.38 11.02 11.86
C SER A 54 3.22 11.99 11.76
N TYR A 55 2.07 11.57 12.29
CA TYR A 55 0.89 12.42 12.20
C TYR A 55 1.08 13.73 12.95
N GLU A 56 1.85 13.74 14.04
CA GLU A 56 2.16 14.99 14.72
C GLU A 56 2.95 15.94 13.82
N ALA A 57 3.88 15.40 13.02
CA ALA A 57 4.65 16.22 12.10
C ALA A 57 3.80 16.64 10.89
N ARG A 58 2.91 15.77 10.43
CA ARG A 58 2.03 16.15 9.32
C ARG A 58 1.21 17.39 9.65
N ALA A 59 0.84 17.56 10.93
CA ALA A 59 0.08 18.73 11.37
C ALA A 59 0.82 20.04 11.14
N PHE A 60 2.15 19.99 11.04
CA PHE A 60 2.95 21.17 10.71
C PHE A 60 3.11 21.39 9.21
N GLY A 61 2.60 20.48 8.38
CA GLY A 61 2.78 20.57 6.96
C GLY A 61 3.94 19.75 6.42
N VAL A 62 4.60 18.97 7.27
CA VAL A 62 5.68 18.12 6.79
C VAL A 62 5.09 17.00 5.95
N THR A 63 5.68 16.77 4.78
CA THR A 63 5.22 15.73 3.87
C THR A 63 6.39 14.91 3.40
N ARG A 64 6.06 13.73 2.87
CA ARG A 64 7.02 12.93 2.13
C ARG A 64 7.50 13.70 0.90
N SER A 65 8.73 13.39 0.45
CA SER A 65 9.35 14.04 -0.71
C SER A 65 10.10 15.30 -0.32
N MET A 66 9.78 15.85 0.84
CA MET A 66 10.36 17.09 1.29
C MET A 66 11.82 16.87 1.65
N TRP A 67 12.67 17.86 1.35
CA TRP A 67 14.03 17.85 1.90
C TRP A 67 13.96 18.11 3.39
N ALA A 68 14.82 17.42 4.16
CA ALA A 68 14.74 17.57 5.60
C ALA A 68 15.05 18.99 6.03
N ASP A 69 15.92 19.69 5.30
CA ASP A 69 16.19 21.09 5.64
C ASP A 69 14.92 21.91 5.54
N ASP A 70 14.07 21.61 4.55
CA ASP A 70 12.82 22.35 4.37
C ASP A 70 11.79 21.95 5.41
N ALA A 71 11.70 20.66 5.71
CA ALA A 71 10.80 20.21 6.77
C ALA A 71 11.10 20.92 8.09
N LYS A 72 12.37 21.10 8.42
CA LYS A 72 12.73 21.78 9.66
C LYS A 72 12.30 23.23 9.68
N LYS A 73 12.07 23.83 8.51
CA LYS A 73 11.55 25.19 8.47
C LYS A 73 10.09 25.22 8.90
N LEU A 74 9.31 24.20 8.50
CA LEU A 74 7.92 24.12 8.93
C LEU A 74 7.79 23.65 10.38
N CYS A 75 8.75 22.86 10.84
CA CYS A 75 8.65 22.16 12.12
C CYS A 75 10.03 22.15 12.75
N PRO A 76 10.40 23.22 13.46
CA PRO A 76 11.77 23.30 13.99
C PRO A 76 12.10 22.21 14.99
N ASP A 77 11.10 21.70 15.70
CA ASP A 77 11.32 20.63 16.68
C ASP A 77 11.19 19.24 16.08
N LEU A 78 11.13 19.14 14.75
CA LEU A 78 11.00 17.85 14.09
C LEU A 78 12.17 16.96 14.48
N LEU A 79 11.87 15.74 14.91
CA LEU A 79 12.91 14.74 15.17
C LEU A 79 13.04 13.84 13.95
N LEU A 80 14.25 13.37 13.71
CA LEU A 80 14.54 12.59 12.51
C LEU A 80 15.23 11.29 12.88
N ALA A 81 14.78 10.21 12.24
CA ALA A 81 15.49 8.95 12.26
C ALA A 81 16.00 8.66 10.85
N GLN A 82 17.24 8.18 10.77
CA GLN A 82 17.91 7.98 9.49
C GLN A 82 17.77 6.54 9.03
N VAL A 83 17.44 6.36 7.74
CA VAL A 83 17.48 5.03 7.16
C VAL A 83 18.91 4.51 7.19
N ARG A 84 19.04 3.22 7.51
CA ARG A 84 20.31 2.52 7.50
C ARG A 84 20.99 2.64 6.14
N GLU A 85 22.30 2.80 6.15
CA GLU A 85 23.10 2.80 4.93
C GLU A 85 24.10 1.65 5.01
N SER A 86 24.11 0.82 3.98
CA SER A 86 25.02 -0.31 3.87
C SER A 86 25.51 -0.38 2.44
N ARG A 87 26.81 -0.63 2.26
CA ARG A 87 27.41 -0.75 0.94
C ARG A 87 27.10 0.48 0.09
N GLY A 88 27.09 1.64 0.73
CA GLY A 88 26.94 2.91 0.03
C GLY A 88 25.53 3.32 -0.31
N LYS A 89 24.51 2.61 0.15
CA LYS A 89 23.15 2.89 -0.29
C LYS A 89 22.18 2.68 0.87
N ALA A 90 21.01 3.29 0.73
CA ALA A 90 19.93 3.05 1.67
C ALA A 90 19.56 1.58 1.68
N ASN A 91 19.33 1.06 2.88
CA ASN A 91 19.00 -0.35 3.08
C ASN A 91 17.73 -0.43 3.92
N LEU A 92 16.67 -1.02 3.36
CA LEU A 92 15.36 -1.01 3.99
C LEU A 92 15.05 -2.30 4.76
N THR A 93 16.09 -3.10 5.07
CA THR A 93 15.87 -4.39 5.73
C THR A 93 15.04 -4.28 7.01
N LYS A 94 15.31 -3.27 7.83
CA LYS A 94 14.59 -3.15 9.10
C LYS A 94 13.08 -3.07 8.87
N TYR A 95 12.67 -2.33 7.85
CA TYR A 95 11.25 -2.14 7.57
C TYR A 95 10.65 -3.39 6.92
N ARG A 96 11.41 -4.07 6.06
CA ARG A 96 10.94 -5.33 5.50
C ARG A 96 10.71 -6.37 6.59
N GLU A 97 11.63 -6.46 7.56
CA GLU A 97 11.49 -7.44 8.63
C GLU A 97 10.30 -7.10 9.54
N ALA A 98 10.09 -5.81 9.81
CA ALA A 98 8.93 -5.40 10.59
C ALA A 98 7.64 -5.70 9.86
N SER A 99 7.64 -5.53 8.54
CA SER A 99 6.46 -5.87 7.74
C SER A 99 6.13 -7.36 7.86
N VAL A 100 7.15 -8.22 7.77
CA VAL A 100 6.92 -9.65 7.97
C VAL A 100 6.28 -9.92 9.33
N GLU A 101 6.72 -9.22 10.38
CA GLU A 101 6.11 -9.35 11.70
C GLU A 101 4.61 -9.17 11.63
N VAL A 102 4.17 -8.09 10.98
CA VAL A 102 2.76 -7.76 10.95
C VAL A 102 2.01 -8.74 10.08
N MET A 103 2.54 -9.03 8.89
CA MET A 103 1.83 -9.91 7.96
C MET A 103 1.64 -11.31 8.55
N GLU A 104 2.59 -11.79 9.35
CA GLU A 104 2.42 -13.12 9.94
C GLU A 104 1.29 -13.15 10.97
N ILE A 105 1.11 -12.06 11.72
CA ILE A 105 -0.04 -11.94 12.62
C ILE A 105 -1.35 -11.91 11.83
N MET A 106 -1.40 -11.08 10.79
CA MET A 106 -2.62 -11.00 9.98
C MET A 106 -2.99 -12.34 9.40
N SER A 107 -1.99 -13.13 9.01
CA SER A 107 -2.25 -14.42 8.39
C SER A 107 -2.93 -15.40 9.33
N ARG A 108 -2.93 -15.14 10.64
CA ARG A 108 -3.62 -16.04 11.57
C ARG A 108 -5.13 -15.93 11.43
N PHE A 109 -5.61 -14.77 10.96
CA PHE A 109 -7.04 -14.51 10.92
C PHE A 109 -7.66 -14.86 9.57
N ALA A 110 -6.97 -14.57 8.47
CA ALA A 110 -7.59 -14.71 7.16
C ALA A 110 -6.52 -14.74 6.08
N VAL A 111 -6.97 -14.97 4.84
CA VAL A 111 -6.15 -14.90 3.65
C VAL A 111 -5.73 -13.45 3.42
N ILE A 112 -4.43 -13.22 3.22
CA ILE A 112 -3.93 -11.86 3.01
C ILE A 112 -3.20 -11.78 1.68
N GLU A 113 -3.35 -10.62 1.04
CA GLU A 113 -2.59 -10.22 -0.13
C GLU A 113 -1.66 -9.07 0.29
N ARG A 114 -0.35 -9.32 0.25
CA ARG A 114 0.62 -8.26 0.50
C ARG A 114 0.57 -7.25 -0.63
N ALA A 115 0.01 -6.07 -0.35
CA ALA A 115 -0.12 -5.05 -1.38
C ALA A 115 1.12 -4.16 -1.46
N SER A 116 1.75 -3.92 -0.32
CA SER A 116 2.97 -3.13 -0.26
C SER A 116 3.67 -3.48 1.04
N ILE A 117 4.79 -2.83 1.29
CA ILE A 117 5.52 -3.08 2.52
C ILE A 117 4.67 -2.86 3.77
N ASP A 118 3.59 -2.09 3.68
CA ASP A 118 2.80 -1.89 4.89
C ASP A 118 1.29 -1.89 4.65
N GLU A 119 0.82 -2.47 3.56
CA GLU A 119 -0.60 -2.63 3.32
C GLU A 119 -0.87 -4.08 2.97
N ALA A 120 -1.93 -4.63 3.52
CA ALA A 120 -2.38 -5.94 3.07
C ALA A 120 -3.89 -5.92 2.94
N TYR A 121 -4.39 -6.52 1.86
CA TYR A 121 -5.79 -6.83 1.76
C TYR A 121 -6.10 -8.15 2.46
N VAL A 122 -7.31 -8.23 3.01
CA VAL A 122 -7.78 -9.34 3.81
C VAL A 122 -9.11 -9.79 3.22
N ASP A 123 -9.23 -11.06 2.89
CA ASP A 123 -10.49 -11.64 2.47
C ASP A 123 -11.14 -12.29 3.68
N LEU A 124 -12.18 -11.64 4.20
CA LEU A 124 -12.83 -12.04 5.45
C LEU A 124 -14.10 -12.85 5.24
N THR A 125 -14.45 -13.17 3.99
CA THR A 125 -15.77 -13.77 3.74
C THR A 125 -15.96 -15.04 4.56
N SER A 126 -14.95 -15.92 4.55
CA SER A 126 -15.06 -17.20 5.26
C SER A 126 -15.04 -17.01 6.77
N ALA A 127 -14.14 -16.16 7.27
CA ALA A 127 -14.06 -15.93 8.71
C ALA A 127 -15.37 -15.36 9.23
N VAL A 128 -16.03 -14.51 8.43
CA VAL A 128 -17.30 -13.93 8.86
C VAL A 128 -18.37 -15.00 8.97
N GLN A 129 -18.44 -15.91 7.99
CA GLN A 129 -19.41 -17.00 8.07
C GLN A 129 -19.20 -17.81 9.35
N GLU A 130 -17.95 -18.18 9.63
CA GLU A 130 -17.62 -18.90 10.87
C GLU A 130 -18.12 -18.14 12.08
N ARG A 131 -17.72 -16.87 12.21
CA ARG A 131 -18.08 -16.10 13.39
C ARG A 131 -19.60 -15.96 13.52
N LEU A 132 -20.32 -15.88 12.40
CA LEU A 132 -21.78 -15.77 12.48
C LEU A 132 -22.40 -17.02 13.08
N GLN A 133 -21.79 -18.19 12.89
CA GLN A 133 -22.29 -19.41 13.53
C GLN A 133 -22.11 -19.33 15.04
N LYS A 134 -20.91 -18.96 15.50
CA LYS A 134 -20.65 -18.87 16.93
C LYS A 134 -21.64 -17.93 17.61
N LEU A 135 -21.95 -16.80 16.96
CA LEU A 135 -22.75 -15.77 17.62
C LEU A 135 -24.14 -16.28 17.97
N GLN A 136 -24.69 -17.21 17.18
CA GLN A 136 -26.01 -17.78 17.45
C GLN A 136 -27.10 -16.71 17.43
N GLY A 137 -27.02 -15.81 16.45
CA GLY A 137 -28.00 -14.76 16.32
C GLY A 137 -28.02 -13.74 17.44
N GLN A 138 -26.93 -13.66 18.23
CA GLN A 138 -26.86 -12.68 19.31
C GLN A 138 -26.42 -11.32 18.76
N PRO A 139 -27.05 -10.22 19.19
CA PRO A 139 -26.75 -8.92 18.60
C PRO A 139 -25.31 -8.51 18.86
N ILE A 140 -24.81 -7.65 18.00
CA ILE A 140 -23.43 -7.18 18.06
C ILE A 140 -23.40 -5.90 18.90
N SER A 141 -22.60 -5.90 19.95
CA SER A 141 -22.50 -4.79 20.87
CA SER A 141 -22.51 -4.79 20.87
C SER A 141 -21.51 -3.75 20.36
N ALA A 142 -21.81 -2.48 20.63
CA ALA A 142 -20.91 -1.40 20.23
C ALA A 142 -19.53 -1.55 20.88
N ASP A 143 -19.45 -2.26 22.01
CA ASP A 143 -18.18 -2.49 22.68
C ASP A 143 -17.27 -3.39 21.86
N LEU A 144 -17.81 -4.14 20.90
CA LEU A 144 -16.98 -4.94 20.00
C LEU A 144 -16.36 -4.11 18.88
N LEU A 145 -16.75 -2.84 18.74
CA LEU A 145 -16.33 -1.99 17.63
C LEU A 145 -15.83 -0.64 18.16
N PRO A 146 -14.85 -0.67 19.07
CA PRO A 146 -14.47 0.56 19.79
C PRO A 146 -13.73 1.59 18.98
N SER A 147 -13.28 1.27 17.76
CA SER A 147 -12.57 2.24 16.94
C SER A 147 -13.14 2.28 15.52
N THR A 148 -14.39 1.87 15.35
CA THR A 148 -15.02 1.75 14.04
C THR A 148 -15.90 2.96 13.74
N TYR A 149 -15.74 3.51 12.55
CA TYR A 149 -16.61 4.54 11.98
C TYR A 149 -17.50 3.91 10.94
N ILE A 150 -18.77 4.30 10.91
CA ILE A 150 -19.69 3.86 9.88
C ILE A 150 -19.85 5.02 8.91
N GLU A 151 -19.29 4.89 7.71
CA GLU A 151 -19.31 5.99 6.76
C GLU A 151 -20.74 6.35 6.39
N GLY A 152 -21.04 7.65 6.43
CA GLY A 152 -22.37 8.15 6.13
C GLY A 152 -23.23 8.41 7.35
N LEU A 153 -22.82 7.92 8.53
CA LEU A 153 -23.58 8.14 9.76
C LEU A 153 -22.75 8.89 10.79
N PRO A 154 -23.42 9.59 11.73
CA PRO A 154 -24.88 9.71 11.87
C PRO A 154 -25.51 10.64 10.83
N GLN A 155 -26.80 10.44 10.58
CA GLN A 155 -27.57 11.31 9.70
C GLN A 155 -28.87 11.68 10.40
N GLY A 156 -29.60 12.61 9.78
CA GLY A 156 -30.98 12.87 10.13
C GLY A 156 -31.18 13.38 11.55
N PRO A 157 -32.44 13.37 12.02
CA PRO A 157 -32.81 13.90 13.33
C PRO A 157 -32.93 12.83 14.42
N THR A 163 -23.72 16.69 20.32
CA THR A 163 -22.29 16.53 20.56
C THR A 163 -21.48 17.16 19.43
N VAL A 164 -20.54 18.02 19.81
CA VAL A 164 -19.64 18.67 18.86
C VAL A 164 -18.25 18.01 18.88
N GLN A 165 -18.17 16.75 19.33
CA GLN A 165 -16.92 16.09 19.59
C GLN A 165 -16.73 14.89 18.66
N LYS A 166 -15.46 14.61 18.37
CA LYS A 166 -15.12 13.62 17.35
C LYS A 166 -15.54 12.21 17.75
N GLU A 167 -15.15 11.79 18.95
CA GLU A 167 -15.52 10.46 19.44
C GLU A 167 -17.03 10.34 19.63
N GLY A 168 -17.70 11.44 19.96
CA GLY A 168 -19.15 11.40 20.13
C GLY A 168 -19.88 11.21 18.82
N MET A 169 -19.41 11.88 17.75
CA MET A 169 -19.92 11.62 16.42
C MET A 169 -19.75 10.15 16.05
N ARG A 170 -18.55 9.61 16.29
CA ARG A 170 -18.31 8.21 15.95
C ARG A 170 -19.32 7.30 16.61
N LYS A 171 -19.54 7.49 17.92
CA LYS A 171 -20.46 6.62 18.64
C LYS A 171 -21.89 6.79 18.16
N GLN A 172 -22.31 8.02 17.89
CA GLN A 172 -23.67 8.25 17.40
C GLN A 172 -23.91 7.48 16.10
N GLY A 173 -22.96 7.57 15.18
CA GLY A 173 -23.11 6.84 13.92
C GLY A 173 -23.15 5.34 14.11
N LEU A 174 -22.27 4.82 14.97
CA LEU A 174 -22.26 3.38 15.25
C LEU A 174 -23.57 2.92 15.87
N PHE A 175 -24.11 3.70 16.81
CA PHE A 175 -25.38 3.34 17.42
C PHE A 175 -26.49 3.27 16.39
N GLN A 176 -26.57 4.28 15.50
CA GLN A 176 -27.60 4.24 14.47
C GLN A 176 -27.47 3.00 13.60
N TRP A 177 -26.24 2.64 13.25
CA TRP A 177 -26.00 1.47 12.41
C TRP A 177 -26.44 0.19 13.13
N LEU A 178 -25.96 0.01 14.36
CA LEU A 178 -26.26 -1.20 15.11
C LEU A 178 -27.73 -1.27 15.51
N ASP A 179 -28.36 -0.12 15.74
CA ASP A 179 -29.79 -0.14 16.06
C ASP A 179 -30.59 -0.64 14.88
N SER A 180 -30.26 -0.18 13.67
N SER A 180 -30.19 -0.30 13.65
CA SER A 180 -30.97 -0.63 12.47
CA SER A 180 -30.91 -0.72 12.46
C SER A 180 -30.64 -2.08 12.15
C SER A 180 -30.59 -2.15 12.03
N LEU A 181 -29.44 -2.53 12.51
N LEU A 181 -29.49 -2.73 12.52
CA LEU A 181 -29.06 -3.91 12.31
CA LEU A 181 -29.03 -4.01 12.01
C LEU A 181 -29.91 -4.84 13.17
C LEU A 181 -30.07 -5.10 12.16
N GLN A 182 -30.10 -4.49 14.45
N GLN A 182 -30.24 -5.88 11.10
CA GLN A 182 -30.85 -5.31 15.38
CA GLN A 182 -31.16 -7.03 11.08
C GLN A 182 -32.36 -5.27 15.12
C GLN A 182 -30.33 -8.29 11.29
N ILE A 183 -32.89 -4.20 14.49
N ILE A 183 -30.24 -8.73 12.54
CA ILE A 183 -34.30 -4.19 14.10
CA ILE A 183 -29.29 -9.79 12.91
C ILE A 183 -34.54 -4.92 12.79
C ILE A 183 -29.86 -11.20 12.76
N ASP A 184 -33.50 -5.43 12.14
N ASP A 184 -31.16 -11.34 12.48
CA ASP A 184 -33.62 -6.05 10.82
CA ASP A 184 -31.70 -12.67 12.23
C ASP A 184 -33.97 -5.03 9.74
C ASP A 184 -31.30 -13.20 10.86
N ASN A 185 -33.52 -3.79 9.91
N ASN A 185 -30.78 -12.34 9.99
CA ASN A 185 -33.73 -2.74 8.91
CA ASN A 185 -30.55 -12.68 8.58
C ASN A 185 -32.59 -2.63 7.90
C ASN A 185 -29.05 -12.87 8.39
N LEU A 186 -31.48 -3.33 8.12
N LEU A 186 -28.61 -14.14 8.38
CA LEU A 186 -30.41 -3.41 7.15
CA LEU A 186 -27.19 -14.43 8.27
C LEU A 186 -30.49 -4.74 6.42
C LEU A 186 -26.62 -14.09 6.91
N THR A 187 -29.40 -5.16 5.77
N THR A 187 -27.46 -13.87 5.90
CA THR A 187 -29.39 -6.33 4.92
CA THR A 187 -27.00 -13.54 4.56
C THR A 187 -28.42 -7.37 5.44
C THR A 187 -27.02 -12.04 4.28
N SER A 188 -28.41 -8.54 4.80
N SER A 188 -27.45 -11.22 5.24
CA SER A 188 -27.50 -9.58 5.23
CA SER A 188 -27.49 -9.78 5.06
C SER A 188 -26.07 -9.22 4.86
C SER A 188 -26.10 -9.21 4.85
N PRO A 189 -25.81 -8.56 3.72
CA PRO A 189 -24.46 -8.02 3.52
C PRO A 189 -24.04 -7.01 4.57
N ASP A 190 -24.96 -6.20 5.08
CA ASP A 190 -24.59 -5.23 6.11
C ASP A 190 -24.15 -5.93 7.39
N LEU A 191 -24.85 -7.00 7.77
CA LEU A 191 -24.44 -7.79 8.92
C LEU A 191 -23.07 -8.42 8.68
N GLN A 192 -22.84 -8.92 7.48
CA GLN A 192 -21.53 -9.53 7.18
C GLN A 192 -20.40 -8.51 7.31
N LEU A 193 -20.60 -7.31 6.77
CA LEU A 193 -19.60 -6.26 6.94
C LEU A 193 -19.35 -5.95 8.40
N THR A 194 -20.41 -5.93 9.21
CA THR A 194 -20.28 -5.59 10.62
C THR A 194 -19.46 -6.63 11.35
N VAL A 195 -19.76 -7.92 11.12
CA VAL A 195 -18.93 -8.98 11.69
C VAL A 195 -17.52 -8.88 11.15
N GLY A 196 -17.36 -8.57 9.87
CA GLY A 196 -16.03 -8.31 9.34
C GLY A 196 -15.30 -7.24 10.13
N ALA A 197 -16.01 -6.17 10.50
CA ALA A 197 -15.36 -5.12 11.27
C ALA A 197 -14.97 -5.60 12.66
N VAL A 198 -15.78 -6.48 13.26
CA VAL A 198 -15.44 -7.03 14.56
C VAL A 198 -14.12 -7.79 14.48
N ILE A 199 -13.99 -8.63 13.45
CA ILE A 199 -12.75 -9.39 13.24
C ILE A 199 -11.57 -8.45 13.02
N VAL A 200 -11.77 -7.37 12.27
CA VAL A 200 -10.66 -6.45 12.01
C VAL A 200 -10.27 -5.71 13.29
N GLU A 201 -11.22 -5.38 14.17
CA GLU A 201 -10.85 -4.84 15.47
C GLU A 201 -9.92 -5.82 16.21
N GLU A 202 -10.26 -7.11 16.18
CA GLU A 202 -9.46 -8.13 16.85
C GLU A 202 -8.10 -8.28 16.18
N MET A 203 -8.06 -8.21 14.86
CA MET A 203 -6.79 -8.29 14.14
CA MET A 203 -6.79 -8.27 14.12
C MET A 203 -5.90 -7.11 14.49
N ARG A 204 -6.46 -5.89 14.48
CA ARG A 204 -5.68 -4.71 14.79
C ARG A 204 -5.22 -4.72 16.24
N ALA A 205 -6.05 -5.24 17.14
CA ALA A 205 -5.65 -5.36 18.54
C ALA A 205 -4.47 -6.32 18.69
N ALA A 206 -4.50 -7.43 17.96
CA ALA A 206 -3.40 -8.40 18.04
C ALA A 206 -2.12 -7.80 17.46
N ILE A 207 -2.22 -7.06 16.37
CA ILE A 207 -1.04 -6.42 15.80
C ILE A 207 -0.41 -5.48 16.81
N GLU A 208 -1.24 -4.65 17.45
CA GLU A 208 -0.68 -3.67 18.38
C GLU A 208 -0.12 -4.35 19.62
N ARG A 209 -0.83 -5.35 20.15
CA ARG A 209 -0.32 -6.06 21.32
C ARG A 209 1.02 -6.73 21.03
N GLU A 210 1.12 -7.39 19.89
CA GLU A 210 2.26 -8.27 19.60
C GLU A 210 3.40 -7.57 18.87
N THR A 211 3.19 -6.37 18.33
CA THR A 211 4.27 -5.63 17.69
C THR A 211 4.47 -4.23 18.22
N GLY A 212 3.47 -3.63 18.85
CA GLY A 212 3.51 -2.23 19.20
C GLY A 212 3.02 -1.31 18.10
N PHE A 213 2.71 -1.82 16.91
CA PHE A 213 2.35 -0.97 15.79
C PHE A 213 0.85 -0.75 15.72
N GLN A 214 0.46 0.49 15.48
CA GLN A 214 -0.93 0.83 15.21
C GLN A 214 -1.21 0.85 13.72
N CYS A 215 -2.47 0.60 13.37
CA CYS A 215 -2.85 0.63 11.97
CA CYS A 215 -2.90 0.49 11.97
C CYS A 215 -4.27 1.11 11.84
N SER A 216 -4.62 1.47 10.63
CA SER A 216 -5.98 1.82 10.25
C SER A 216 -6.48 0.76 9.27
N ALA A 217 -7.80 0.71 9.08
CA ALA A 217 -8.33 -0.30 8.18
C ALA A 217 -9.63 0.20 7.56
N GLY A 218 -9.91 -0.30 6.37
CA GLY A 218 -11.22 -0.15 5.76
C GLY A 218 -11.85 -1.52 5.56
N ILE A 219 -13.17 -1.58 5.76
CA ILE A 219 -13.93 -2.81 5.55
C ILE A 219 -15.07 -2.50 4.58
N SER A 220 -15.14 -3.26 3.50
CA SER A 220 -16.24 -3.09 2.56
C SER A 220 -16.39 -4.41 1.79
N HIS A 221 -16.95 -4.34 0.57
CA HIS A 221 -17.24 -5.54 -0.20
C HIS A 221 -16.19 -5.82 -1.28
N ASN A 222 -15.22 -4.95 -1.46
CA ASN A 222 -14.19 -5.17 -2.48
C ASN A 222 -12.97 -4.32 -2.14
N LYS A 223 -11.89 -4.55 -2.91
CA LYS A 223 -10.61 -3.95 -2.56
C LYS A 223 -10.61 -2.43 -2.73
N VAL A 224 -11.25 -1.92 -3.78
CA VAL A 224 -11.23 -0.47 -4.01
C VAL A 224 -11.98 0.27 -2.91
N LEU A 225 -13.17 -0.20 -2.55
CA LEU A 225 -13.89 0.44 -1.45
C LEU A 225 -13.18 0.25 -0.12
N ALA A 226 -12.53 -0.89 0.11
CA ALA A 226 -11.81 -1.09 1.36
C ALA A 226 -10.65 -0.11 1.48
N LYS A 227 -9.92 0.09 0.39
CA LYS A 227 -8.80 1.03 0.42
C LYS A 227 -9.31 2.46 0.61
N LEU A 228 -10.36 2.84 -0.12
CA LEU A 228 -10.96 4.15 0.07
C LEU A 228 -11.44 4.34 1.50
N ALA A 229 -12.11 3.32 2.04
CA ALA A 229 -12.61 3.37 3.41
C ALA A 229 -11.47 3.56 4.41
N CYS A 230 -10.36 2.88 4.19
CA CYS A 230 -9.23 2.94 5.11
C CYS A 230 -8.76 4.38 5.33
N GLY A 231 -8.75 5.17 4.27
CA GLY A 231 -8.26 6.54 4.34
C GLY A 231 -9.21 7.55 4.93
N LEU A 232 -10.44 7.16 5.26
CA LEU A 232 -11.42 8.16 5.69
C LEU A 232 -11.23 8.58 7.14
N ASN A 233 -10.64 7.72 7.98
CA ASN A 233 -10.47 8.02 9.40
C ASN A 233 -9.13 7.44 9.84
N LYS A 234 -8.13 8.29 9.89
CA LYS A 234 -6.79 7.90 10.29
C LYS A 234 -6.29 8.94 11.28
N PRO A 235 -5.33 8.57 12.16
CA PRO A 235 -4.75 7.24 12.32
C PRO A 235 -5.50 6.36 13.33
N ASN A 236 -5.11 5.08 13.38
CA ASN A 236 -5.51 4.17 14.44
C ASN A 236 -7.04 4.03 14.55
N ARG A 237 -7.72 4.02 13.41
CA ARG A 237 -9.16 3.85 13.35
C ARG A 237 -9.49 2.98 12.15
N GLN A 238 -10.74 2.53 12.08
CA GLN A 238 -11.18 1.73 10.95
C GLN A 238 -12.58 2.17 10.53
N THR A 239 -12.87 2.03 9.24
CA THR A 239 -14.10 2.57 8.66
C THR A 239 -14.80 1.50 7.84
N LEU A 240 -16.11 1.36 8.08
CA LEU A 240 -16.97 0.43 7.35
C LEU A 240 -17.72 1.22 6.29
N VAL A 241 -17.50 0.87 5.03
CA VAL A 241 -18.21 1.47 3.90
C VAL A 241 -19.18 0.43 3.36
N SER A 242 -20.48 0.64 3.59
CA SER A 242 -21.49 -0.29 3.13
C SER A 242 -21.83 -0.03 1.67
N HIS A 243 -22.47 -1.00 1.05
CA HIS A 243 -22.93 -0.81 -0.32
C HIS A 243 -23.87 0.39 -0.41
N GLY A 244 -24.76 0.53 0.58
CA GLY A 244 -25.72 1.62 0.58
C GLY A 244 -25.08 2.99 0.72
N SER A 245 -23.90 3.06 1.33
CA SER A 245 -23.24 4.35 1.50
C SER A 245 -22.61 4.86 0.22
N VAL A 246 -22.55 4.06 -0.84
CA VAL A 246 -21.73 4.40 -2.00
C VAL A 246 -22.28 5.60 -2.76
N PRO A 247 -23.59 5.69 -3.04
CA PRO A 247 -24.07 6.85 -3.81
C PRO A 247 -23.71 8.20 -3.20
N GLN A 248 -23.91 8.37 -1.90
CA GLN A 248 -23.58 9.65 -1.28
C GLN A 248 -22.06 9.83 -1.22
N LEU A 249 -21.34 8.77 -0.87
CA LEU A 249 -19.88 8.86 -0.78
C LEU A 249 -19.27 9.25 -2.12
N PHE A 250 -19.72 8.63 -3.20
CA PHE A 250 -19.16 8.91 -4.52
C PHE A 250 -19.66 10.23 -5.10
N SER A 251 -20.74 10.79 -4.57
CA SER A 251 -21.35 11.95 -5.20
C SER A 251 -20.43 13.18 -5.16
N GLN A 252 -19.52 13.25 -4.17
CA GLN A 252 -18.54 14.33 -4.11
C GLN A 252 -17.12 13.82 -4.02
N MET A 253 -16.87 12.58 -4.47
CA MET A 253 -15.56 11.97 -4.35
C MET A 253 -14.78 12.24 -5.63
N PRO A 254 -13.71 13.02 -5.59
CA PRO A 254 -12.91 13.22 -6.80
C PRO A 254 -12.48 11.88 -7.41
N ILE A 255 -12.56 11.80 -8.73
CA ILE A 255 -12.23 10.57 -9.43
C ILE A 255 -10.82 10.07 -9.07
N ARG A 256 -9.86 10.98 -8.86
CA ARG A 256 -8.49 10.57 -8.61
C ARG A 256 -8.31 9.82 -7.29
N LYS A 257 -9.29 9.85 -6.38
CA LYS A 257 -9.14 9.16 -5.10
C LYS A 257 -9.36 7.65 -5.22
N ILE A 258 -9.93 7.18 -6.32
CA ILE A 258 -10.19 5.76 -6.49
C ILE A 258 -8.93 5.10 -7.04
N ARG A 259 -8.54 3.97 -6.43
CA ARG A 259 -7.31 3.30 -6.83
C ARG A 259 -7.33 2.92 -8.30
N SER A 260 -6.25 3.31 -9.00
CA SER A 260 -5.98 3.13 -10.44
C SER A 260 -6.42 4.34 -11.27
N LEU A 261 -7.17 5.27 -10.68
CA LEU A 261 -7.60 6.50 -11.36
C LEU A 261 -6.81 7.72 -10.90
N GLY A 262 -5.73 7.54 -10.14
CA GLY A 262 -4.94 8.65 -9.66
C GLY A 262 -3.93 9.20 -10.65
N GLY A 263 -3.86 8.64 -11.85
CA GLY A 263 -2.88 9.06 -12.83
C GLY A 263 -3.47 9.50 -14.16
N LYS A 264 -2.85 9.06 -15.26
CA LYS A 264 -3.24 9.57 -16.57
C LYS A 264 -4.64 9.10 -16.98
N LEU A 265 -5.00 7.85 -16.67
CA LEU A 265 -6.33 7.39 -17.03
C LEU A 265 -7.41 8.21 -16.35
N GLY A 266 -7.25 8.44 -15.04
CA GLY A 266 -8.21 9.27 -14.33
C GLY A 266 -8.29 10.67 -14.88
N ALA A 267 -7.14 11.22 -15.27
CA ALA A 267 -7.13 12.55 -15.87
C ALA A 267 -7.89 12.55 -17.19
N SER A 268 -7.79 11.46 -17.96
CA SER A 268 -8.51 11.38 -19.22
C SER A 268 -10.00 11.19 -19.00
N VAL A 269 -10.39 10.43 -17.96
CA VAL A 269 -11.81 10.33 -17.64
C VAL A 269 -12.38 11.72 -17.38
N ILE A 270 -11.68 12.51 -16.58
CA ILE A 270 -12.16 13.85 -16.24
C ILE A 270 -12.27 14.71 -17.49
N GLU A 271 -11.23 14.68 -18.33
CA GLU A 271 -11.19 15.59 -19.49
C GLU A 271 -12.17 15.15 -20.58
N ILE A 272 -12.20 13.85 -20.89
CA ILE A 272 -13.03 13.38 -22.00
C ILE A 272 -14.51 13.49 -21.66
N LEU A 273 -14.88 13.16 -20.43
CA LEU A 273 -16.29 13.13 -20.04
C LEU A 273 -16.78 14.43 -19.43
N GLY A 274 -15.87 15.33 -19.06
CA GLY A 274 -16.26 16.58 -18.43
C GLY A 274 -16.90 16.44 -17.07
N ILE A 275 -16.39 15.53 -16.25
CA ILE A 275 -16.95 15.27 -14.92
C ILE A 275 -15.84 15.45 -13.89
N GLU A 276 -16.24 15.48 -12.63
CA GLU A 276 -15.31 15.64 -11.51
C GLU A 276 -15.37 14.49 -10.52
N TYR A 277 -16.53 13.89 -10.31
CA TYR A 277 -16.76 13.01 -9.17
C TYR A 277 -17.09 11.61 -9.64
N MET A 278 -16.70 10.62 -8.83
CA MET A 278 -16.90 9.23 -9.21
C MET A 278 -18.36 8.94 -9.53
N GLY A 279 -19.29 9.48 -8.74
CA GLY A 279 -20.69 9.16 -8.94
C GLY A 279 -21.22 9.62 -10.29
N GLU A 280 -20.63 10.66 -10.86
CA GLU A 280 -21.09 11.14 -12.16
C GLU A 280 -20.89 10.11 -13.26
N LEU A 281 -20.06 9.08 -13.04
CA LEU A 281 -19.87 8.05 -14.04
C LEU A 281 -21.13 7.21 -14.29
N THR A 282 -22.09 7.20 -13.36
CA THR A 282 -23.25 6.32 -13.54
C THR A 282 -24.10 6.72 -14.73
N GLN A 283 -23.94 7.94 -15.26
CA GLN A 283 -24.82 8.39 -16.32
C GLN A 283 -24.39 7.92 -17.71
N PHE A 284 -23.30 7.17 -17.81
CA PHE A 284 -22.81 6.68 -19.07
C PHE A 284 -23.08 5.19 -19.19
N THR A 285 -23.37 4.73 -20.40
CA THR A 285 -23.55 3.31 -20.60
C THR A 285 -22.20 2.61 -20.58
N GLU A 286 -22.23 1.30 -20.37
CA GLU A 286 -20.98 0.53 -20.41
C GLU A 286 -20.30 0.68 -21.76
N SER A 287 -21.07 0.64 -22.85
CA SER A 287 -20.48 0.77 -24.18
C SER A 287 -19.85 2.14 -24.38
N GLN A 288 -20.49 3.20 -23.86
CA GLN A 288 -19.90 4.52 -23.92
C GLN A 288 -18.54 4.56 -23.24
N LEU A 289 -18.45 4.00 -22.03
CA LEU A 289 -17.19 4.04 -21.30
C LEU A 289 -16.13 3.19 -22.00
N GLN A 290 -16.54 2.04 -22.54
CA GLN A 290 -15.59 1.20 -23.28
C GLN A 290 -15.08 1.91 -24.53
N SER A 291 -15.93 2.72 -25.16
CA SER A 291 -15.51 3.41 -26.39
C SER A 291 -14.45 4.46 -26.11
N HIS A 292 -14.45 5.04 -24.92
CA HIS A 292 -13.44 6.02 -24.58
C HIS A 292 -12.18 5.39 -24.00
N PHE A 293 -12.33 4.37 -23.16
CA PHE A 293 -11.24 3.93 -22.31
C PHE A 293 -10.84 2.49 -22.54
N GLY A 294 -11.46 1.79 -23.48
CA GLY A 294 -11.13 0.42 -23.77
C GLY A 294 -12.10 -0.55 -23.09
N GLU A 295 -12.09 -1.79 -23.58
CA GLU A 295 -13.06 -2.78 -23.11
C GLU A 295 -12.90 -3.02 -21.62
N LYS A 296 -11.67 -3.27 -21.17
CA LYS A 296 -11.45 -3.62 -19.78
C LYS A 296 -11.71 -2.43 -18.86
N ASN A 297 -11.11 -1.28 -19.16
CA ASN A 297 -11.31 -0.11 -18.32
C ASN A 297 -12.77 0.32 -18.30
N GLY A 298 -13.43 0.30 -19.46
CA GLY A 298 -14.83 0.71 -19.52
C GLY A 298 -15.73 -0.16 -18.65
N SER A 299 -15.58 -1.47 -18.76
CA SER A 299 -16.37 -2.38 -17.92
C SER A 299 -16.06 -2.17 -16.45
N TRP A 300 -14.79 -1.97 -16.12
CA TRP A 300 -14.40 -1.75 -14.75
C TRP A 300 -15.03 -0.47 -14.19
N LEU A 301 -14.98 0.60 -14.97
CA LEU A 301 -15.53 1.88 -14.53
C LEU A 301 -17.04 1.79 -14.36
N TYR A 302 -17.72 1.12 -15.29
CA TYR A 302 -19.17 0.97 -15.20
C TYR A 302 -19.59 0.34 -13.90
N ALA A 303 -18.93 -0.76 -13.51
CA ALA A 303 -19.27 -1.42 -12.26
C ALA A 303 -18.75 -0.65 -11.05
N MET A 304 -17.56 -0.07 -11.16
CA MET A 304 -16.93 0.54 -9.99
C MET A 304 -17.69 1.77 -9.52
N CYS A 305 -18.24 2.56 -10.45
CA CYS A 305 -18.95 3.76 -10.01
C CYS A 305 -20.27 3.43 -9.32
N ARG A 306 -20.72 2.17 -9.41
CA ARG A 306 -21.85 1.66 -8.66
C ARG A 306 -21.43 0.87 -7.41
N GLY A 307 -20.14 0.89 -7.07
CA GLY A 307 -19.63 0.23 -5.89
C GLY A 307 -19.26 -1.22 -6.09
N ILE A 308 -19.11 -1.68 -7.33
CA ILE A 308 -18.92 -3.08 -7.65
C ILE A 308 -17.55 -3.28 -8.29
N GLU A 309 -16.81 -4.26 -7.77
CA GLU A 309 -15.49 -4.62 -8.32
C GLU A 309 -15.23 -6.07 -7.94
N HIS A 310 -14.61 -6.82 -8.85
CA HIS A 310 -14.45 -8.26 -8.65
C HIS A 310 -13.02 -8.69 -8.45
N ASP A 311 -12.05 -7.78 -8.50
CA ASP A 311 -10.65 -8.14 -8.34
C ASP A 311 -10.45 -8.92 -7.05
N PRO A 312 -9.96 -10.16 -7.11
CA PRO A 312 -9.86 -10.96 -5.89
C PRO A 312 -8.68 -10.59 -5.02
N VAL A 313 -8.84 -10.87 -3.73
CA VAL A 313 -7.74 -10.82 -2.80
C VAL A 313 -6.87 -12.04 -3.11
N LYS A 314 -5.70 -11.80 -3.65
CA LYS A 314 -4.82 -12.90 -4.05
C LYS A 314 -4.12 -13.49 -2.83
N PRO A 315 -4.10 -14.81 -2.66
CA PRO A 315 -3.35 -15.38 -1.55
C PRO A 315 -1.86 -15.22 -1.79
N ARG A 316 -1.27 -14.14 -1.26
CA ARG A 316 0.13 -13.85 -1.54
C ARG A 316 0.72 -13.13 -0.33
N GLN A 317 1.42 -13.89 0.50
CA GLN A 317 2.06 -13.39 1.70
C GLN A 317 3.39 -12.70 1.41
N LEU A 318 4.08 -13.13 0.36
CA LEU A 318 5.44 -12.72 0.11
C LEU A 318 5.55 -11.84 -1.14
N PRO A 319 6.53 -10.96 -1.18
CA PRO A 319 6.76 -10.20 -2.43
C PRO A 319 7.14 -11.15 -3.56
N LYS A 320 6.73 -10.78 -4.77
CA LYS A 320 7.03 -11.57 -5.96
C LYS A 320 8.39 -11.24 -6.56
N THR A 321 9.01 -10.15 -6.12
CA THR A 321 10.29 -9.70 -6.64
C THR A 321 11.13 -9.24 -5.46
N ILE A 322 12.45 -9.30 -5.64
CA ILE A 322 13.40 -8.82 -4.66
C ILE A 322 14.39 -7.95 -5.42
N GLY A 323 14.33 -6.62 -5.19
CA GLY A 323 15.06 -5.68 -5.99
C GLY A 323 15.91 -4.72 -5.18
N CYS A 324 16.92 -4.17 -5.86
CA CYS A 324 17.91 -3.26 -5.29
CA CYS A 324 17.92 -3.28 -5.30
CA CYS A 324 17.85 -3.23 -5.28
C CYS A 324 18.20 -2.18 -6.31
N SER A 325 18.14 -0.90 -5.89
CA SER A 325 18.36 0.17 -6.86
CA SER A 325 18.22 0.23 -6.81
C SER A 325 19.01 1.36 -6.18
N LYS A 326 19.68 2.17 -7.01
CA LYS A 326 20.28 3.41 -6.54
C LYS A 326 20.33 4.42 -7.68
N ASN A 327 19.87 5.64 -7.39
CA ASN A 327 19.99 6.76 -8.30
C ASN A 327 21.30 7.48 -8.09
N PHE A 328 21.77 8.14 -9.15
CA PHE A 328 23.03 8.88 -9.14
C PHE A 328 22.75 10.23 -9.79
N PRO A 329 22.09 11.13 -9.08
CA PRO A 329 21.55 12.33 -9.71
C PRO A 329 22.60 13.40 -9.93
N GLY A 330 22.25 14.33 -10.84
CA GLY A 330 23.06 15.49 -11.12
C GLY A 330 24.53 15.17 -11.35
N LYS A 331 25.38 15.66 -10.45
CA LYS A 331 26.82 15.56 -10.63
C LYS A 331 27.37 14.19 -10.27
N THR A 332 26.63 13.37 -9.52
CA THR A 332 27.15 12.07 -9.09
C THR A 332 26.95 10.98 -10.14
N ALA A 333 26.41 11.30 -11.31
CA ALA A 333 26.18 10.29 -12.34
C ALA A 333 27.45 9.52 -12.66
N LEU A 334 27.30 8.22 -12.86
CA LEU A 334 28.44 7.33 -13.08
C LEU A 334 29.01 7.57 -14.48
N ALA A 335 30.27 7.98 -14.54
CA ALA A 335 30.88 8.40 -15.79
C ALA A 335 32.07 7.54 -16.20
N THR A 336 32.40 6.49 -15.44
CA THR A 336 33.54 5.65 -15.74
C THR A 336 33.14 4.19 -15.59
N ARG A 337 33.94 3.32 -16.19
CA ARG A 337 33.66 1.88 -16.14
C ARG A 337 33.90 1.32 -14.74
N GLU A 338 34.97 1.75 -14.08
CA GLU A 338 35.26 1.25 -12.74
C GLU A 338 34.15 1.62 -11.76
N GLN A 339 33.55 2.80 -11.94
CA GLN A 339 32.41 3.20 -11.11
C GLN A 339 31.25 2.24 -11.29
N VAL A 340 30.83 2.04 -12.55
CA VAL A 340 29.69 1.19 -12.85
C VAL A 340 29.85 -0.19 -12.23
N GLN A 341 31.06 -0.75 -12.34
CA GLN A 341 31.28 -2.10 -11.86
C GLN A 341 31.32 -2.16 -10.33
N TRP A 342 31.85 -1.12 -9.70
CA TRP A 342 31.85 -1.11 -8.24
C TRP A 342 30.43 -1.02 -7.70
N TRP A 343 29.60 -0.18 -8.28
CA TRP A 343 28.25 -0.01 -7.78
C TRP A 343 27.39 -1.23 -8.11
N LEU A 344 27.53 -1.80 -9.32
CA LEU A 344 26.82 -3.04 -9.61
C LEU A 344 27.17 -4.10 -8.57
N LEU A 345 28.43 -4.13 -8.12
CA LEU A 345 28.81 -5.10 -7.10
C LEU A 345 28.16 -4.79 -5.77
N GLN A 346 28.06 -3.50 -5.40
CA GLN A 346 27.40 -3.12 -4.16
C GLN A 346 25.94 -3.60 -4.18
N LEU A 347 25.23 -3.29 -5.27
CA LEU A 347 23.84 -3.71 -5.40
C LEU A 347 23.73 -5.22 -5.39
N ALA A 348 24.60 -5.90 -6.14
CA ALA A 348 24.56 -7.35 -6.22
C ALA A 348 24.85 -7.99 -4.87
N GLN A 349 25.66 -7.34 -4.04
CA GLN A 349 25.97 -7.92 -2.74
C GLN A 349 24.79 -7.83 -1.80
N GLU A 350 24.06 -6.70 -1.81
CA GLU A 350 22.86 -6.62 -1.01
C GLU A 350 21.83 -7.62 -1.51
N LEU A 351 21.69 -7.74 -2.84
CA LEU A 351 20.73 -8.67 -3.41
C LEU A 351 21.07 -10.11 -3.01
N GLU A 352 22.34 -10.49 -3.10
CA GLU A 352 22.74 -11.84 -2.69
C GLU A 352 22.35 -12.10 -1.25
N GLU A 353 22.58 -11.13 -0.36
CA GLU A 353 22.25 -11.34 1.05
C GLU A 353 20.75 -11.51 1.25
N ARG A 354 19.95 -10.67 0.59
CA ARG A 354 18.50 -10.78 0.70
C ARG A 354 17.98 -12.05 0.04
N LEU A 355 18.58 -12.43 -1.10
CA LEU A 355 18.14 -13.64 -1.79
C LEU A 355 18.46 -14.89 -0.98
N THR A 356 19.65 -14.97 -0.37
CA THR A 356 19.98 -16.13 0.45
C THR A 356 19.04 -16.24 1.63
N LYS A 357 18.75 -15.11 2.29
CA LYS A 357 17.79 -15.12 3.38
C LYS A 357 16.40 -15.56 2.90
N ASP A 358 15.97 -15.07 1.74
CA ASP A 358 14.67 -15.44 1.20
C ASP A 358 14.59 -16.94 0.95
N ARG A 359 15.67 -17.52 0.40
CA ARG A 359 15.68 -18.96 0.12
C ARG A 359 15.55 -19.77 1.39
N ASN A 360 16.23 -19.35 2.46
CA ASN A 360 16.17 -20.08 3.72
C ASN A 360 14.79 -20.00 4.35
N ASP A 361 14.18 -18.81 4.35
CA ASP A 361 12.90 -18.60 5.03
C ASP A 361 11.73 -19.15 4.23
N ASN A 362 11.77 -19.07 2.90
CA ASN A 362 10.56 -19.23 2.10
C ASN A 362 10.65 -20.33 1.06
N ASP A 363 11.73 -21.11 1.04
CA ASP A 363 11.81 -22.30 0.16
C ASP A 363 11.52 -21.96 -1.30
N ARG A 364 12.24 -20.98 -1.82
CA ARG A 364 12.10 -20.62 -3.22
C ARG A 364 13.40 -20.02 -3.70
N VAL A 365 13.59 -20.05 -5.02
CA VAL A 365 14.79 -19.52 -5.64
C VAL A 365 14.38 -18.69 -6.83
N ALA A 366 15.00 -17.53 -6.99
CA ALA A 366 14.79 -16.72 -8.16
C ALA A 366 15.58 -17.30 -9.34
N THR A 367 15.01 -17.16 -10.54
CA THR A 367 15.65 -17.70 -11.73
C THR A 367 15.95 -16.65 -12.77
N GLN A 368 15.51 -15.41 -12.59
CA GLN A 368 15.73 -14.35 -13.57
C GLN A 368 16.30 -13.14 -12.85
N LEU A 369 17.26 -12.50 -13.49
CA LEU A 369 17.84 -11.25 -13.01
C LEU A 369 17.48 -10.16 -14.01
N VAL A 370 16.77 -9.14 -13.54
CA VAL A 370 16.43 -8.00 -14.36
C VAL A 370 17.43 -6.89 -14.09
N VAL A 371 17.94 -6.28 -15.14
CA VAL A 371 18.93 -5.21 -15.03
C VAL A 371 18.36 -4.00 -15.74
N SER A 372 18.26 -2.89 -15.04
CA SER A 372 17.77 -1.66 -15.62
C SER A 372 18.71 -0.51 -15.28
N ILE A 373 18.88 0.42 -16.22
CA ILE A 373 19.68 1.60 -16.01
C ILE A 373 18.91 2.81 -16.52
N ARG A 374 19.34 3.99 -16.09
CA ARG A 374 18.86 5.25 -16.61
C ARG A 374 20.08 6.07 -17.02
N VAL A 375 20.01 6.74 -18.16
CA VAL A 375 21.11 7.54 -18.66
C VAL A 375 20.75 9.01 -18.52
N GLN A 376 21.77 9.82 -18.26
CA GLN A 376 21.56 11.25 -18.05
C GLN A 376 20.88 11.88 -19.24
N GLY A 377 19.71 12.47 -19.02
CA GLY A 377 18.98 13.15 -20.08
C GLY A 377 17.58 12.60 -20.30
N ASP A 378 17.42 11.29 -20.16
CA ASP A 378 16.15 10.64 -20.41
C ASP A 378 15.12 11.07 -19.37
N LYS A 379 13.99 11.60 -19.83
CA LYS A 379 12.93 12.02 -18.91
C LYS A 379 12.21 10.83 -18.29
N ARG A 380 12.23 9.68 -18.94
CA ARG A 380 11.60 8.48 -18.38
C ARG A 380 12.43 7.94 -17.24
N LEU A 381 11.75 7.26 -16.30
CA LEU A 381 12.45 6.76 -15.12
C LEU A 381 13.42 5.64 -15.47
N SER A 382 13.11 4.86 -16.50
CA SER A 382 14.01 3.81 -16.97
C SER A 382 14.29 4.02 -18.45
N SER A 383 15.56 3.85 -18.83
CA SER A 383 15.98 3.94 -20.21
C SER A 383 16.10 2.58 -20.87
N LEU A 384 16.49 1.56 -20.12
CA LEU A 384 16.76 0.26 -20.67
C LEU A 384 16.55 -0.80 -19.60
N ARG A 385 15.89 -1.89 -20.00
CA ARG A 385 15.67 -3.04 -19.15
C ARG A 385 16.03 -4.30 -19.93
N ARG A 386 16.87 -5.15 -19.34
CA ARG A 386 17.32 -6.39 -19.94
C ARG A 386 17.37 -7.47 -18.88
N CYS A 387 16.99 -8.68 -19.25
CA CYS A 387 17.00 -9.82 -18.34
CA CYS A 387 16.98 -9.83 -18.36
C CYS A 387 18.05 -10.84 -18.75
N CYS A 388 18.53 -11.58 -17.76
CA CYS A 388 19.46 -12.68 -17.99
C CYS A 388 19.17 -13.73 -16.94
N ALA A 389 19.73 -14.92 -17.15
CA ALA A 389 19.48 -16.02 -16.23
C ALA A 389 20.15 -15.77 -14.89
N LEU A 390 19.45 -16.13 -13.82
CA LEU A 390 19.96 -16.05 -12.45
C LEU A 390 20.15 -17.49 -11.97
N THR A 391 21.36 -18.01 -12.13
CA THR A 391 21.64 -19.42 -11.88
C THR A 391 22.36 -19.67 -10.55
N ARG A 392 22.99 -18.66 -9.97
CA ARG A 392 23.71 -18.81 -8.73
C ARG A 392 23.56 -17.53 -7.90
N TYR A 393 23.35 -17.71 -6.60
CA TYR A 393 23.30 -16.58 -5.66
C TYR A 393 24.73 -16.22 -5.32
N ASP A 394 25.38 -15.54 -6.26
CA ASP A 394 26.77 -15.09 -6.10
C ASP A 394 26.87 -13.67 -6.61
N ALA A 395 27.25 -12.75 -5.72
CA ALA A 395 27.22 -11.32 -6.06
C ALA A 395 28.21 -10.99 -7.18
N HIS A 396 29.38 -11.62 -7.17
CA HIS A 396 30.35 -11.31 -8.22
C HIS A 396 29.84 -11.82 -9.58
N LYS A 397 29.12 -12.93 -9.61
CA LYS A 397 28.57 -13.40 -10.88
C LYS A 397 27.41 -12.52 -11.33
N MET A 398 26.50 -12.16 -10.43
CA MET A 398 25.39 -11.30 -10.82
C MET A 398 25.88 -9.94 -11.32
N SER A 399 26.89 -9.36 -10.65
CA SER A 399 27.38 -8.05 -11.10
C SER A 399 28.04 -8.14 -12.47
N HIS A 400 28.77 -9.23 -12.73
CA HIS A 400 29.39 -9.37 -14.05
C HIS A 400 28.36 -9.57 -15.14
N ASP A 401 27.35 -10.42 -14.88
CA ASP A 401 26.28 -10.62 -15.85
C ASP A 401 25.53 -9.31 -16.11
N ALA A 402 25.26 -8.52 -15.07
CA ALA A 402 24.60 -7.23 -15.27
C ALA A 402 25.44 -6.32 -16.15
N PHE A 403 26.74 -6.25 -15.88
CA PHE A 403 27.62 -5.47 -16.74
C PHE A 403 27.57 -5.97 -18.16
N THR A 404 27.64 -7.29 -18.34
CA THR A 404 27.63 -7.87 -19.69
C THR A 404 26.40 -7.42 -20.46
N VAL A 405 25.23 -7.37 -19.83
CA VAL A 405 24.01 -7.06 -20.59
C VAL A 405 23.83 -5.56 -20.82
N ILE A 406 24.53 -4.70 -20.08
CA ILE A 406 24.42 -3.26 -20.29
C ILE A 406 25.64 -2.66 -20.99
N LYS A 407 26.78 -3.35 -21.02
CA LYS A 407 28.02 -2.73 -21.48
C LYS A 407 27.89 -2.11 -22.88
N ASN A 408 26.95 -2.60 -23.70
CA ASN A 408 26.79 -2.11 -25.07
C ASN A 408 26.19 -0.71 -25.12
N MET A 409 25.62 -0.24 -24.02
CA MET A 409 25.03 1.10 -23.95
C MET A 409 26.06 2.19 -23.87
N ASN A 410 27.30 1.86 -23.54
CA ASN A 410 28.37 2.84 -23.49
C ASN A 410 28.75 3.22 -24.91
N THR A 411 28.19 4.32 -25.40
CA THR A 411 28.54 4.84 -26.72
C THR A 411 29.76 5.73 -26.69
N SER A 412 30.58 5.64 -25.64
CA SER A 412 31.77 6.48 -25.53
C SER A 412 32.92 5.92 -26.35
N GLY A 413 33.80 6.82 -26.78
CA GLY A 413 34.94 6.39 -27.58
C GLY A 413 35.80 5.37 -26.88
N ILE A 414 36.18 5.65 -25.64
CA ILE A 414 37.08 4.78 -24.89
C ILE A 414 36.26 3.75 -24.14
N GLN A 415 36.88 2.60 -23.87
CA GLN A 415 36.27 1.59 -23.01
C GLN A 415 36.36 1.97 -21.54
N THR A 416 37.24 2.91 -21.18
CA THR A 416 37.43 3.30 -19.79
C THR A 416 36.42 4.34 -19.33
N GLU A 417 35.92 5.17 -20.25
CA GLU A 417 34.89 6.13 -19.92
C GLU A 417 33.51 5.53 -20.16
N TRP A 418 32.50 6.14 -19.53
CA TRP A 418 31.11 5.75 -19.74
C TRP A 418 30.31 6.98 -20.12
N SER A 419 29.75 6.97 -21.32
CA SER A 419 28.86 8.04 -21.75
C SER A 419 27.71 7.46 -22.58
N PRO A 420 26.51 8.05 -22.48
CA PRO A 420 26.16 9.12 -21.54
C PRO A 420 26.09 8.60 -20.09
N PRO A 421 26.59 9.37 -19.12
CA PRO A 421 26.66 8.88 -17.74
C PRO A 421 25.34 8.26 -17.28
N LEU A 422 25.44 7.37 -16.29
CA LEU A 422 24.30 6.62 -15.77
C LEU A 422 23.78 7.27 -14.50
N THR A 423 22.46 7.51 -14.47
CA THR A 423 21.82 8.14 -13.32
C THR A 423 21.01 7.14 -12.48
N MET A 424 21.07 5.85 -12.81
CA MET A 424 20.35 4.86 -12.02
CA MET A 424 20.36 4.86 -12.01
C MET A 424 20.83 3.46 -12.41
N LEU A 425 21.02 2.61 -11.40
CA LEU A 425 21.30 1.20 -11.55
C LEU A 425 20.23 0.44 -10.79
N PHE A 426 19.77 -0.68 -11.33
CA PHE A 426 18.66 -1.43 -10.75
CA PHE A 426 18.66 -1.43 -10.75
C PHE A 426 18.85 -2.91 -11.07
N LEU A 427 18.90 -3.73 -10.03
CA LEU A 427 18.94 -5.19 -10.15
C LEU A 427 17.71 -5.74 -9.46
N CYS A 428 17.01 -6.67 -10.10
CA CYS A 428 15.80 -7.25 -9.55
C CYS A 428 15.78 -8.74 -9.85
N ALA A 429 15.65 -9.54 -8.79
CA ALA A 429 15.49 -10.98 -8.92
C ALA A 429 14.01 -11.31 -9.02
N THR A 430 13.66 -12.14 -10.00
CA THR A 430 12.28 -12.41 -10.34
C THR A 430 12.15 -13.88 -10.74
N LYS A 431 10.91 -14.29 -11.00
CA LYS A 431 10.58 -15.64 -11.49
C LYS A 431 11.04 -16.70 -10.50
N PHE A 432 10.38 -16.69 -9.34
CA PHE A 432 10.72 -17.59 -8.26
C PHE A 432 10.16 -18.98 -8.53
N SER A 433 10.91 -19.99 -8.12
CA SER A 433 10.49 -21.39 -8.17
C SER A 433 10.70 -22.03 -6.81
N ALA A 434 9.86 -23.01 -6.49
CA ALA A 434 10.01 -23.76 -5.26
C ALA A 434 11.35 -24.45 -5.22
N SER A 435 11.92 -24.56 -4.02
CA SER A 435 13.24 -25.16 -3.85
C SER A 435 13.27 -26.06 -2.63
P CAR C 9 1.74 3.84 2.66
OP1 CAR C 9 0.86 3.31 3.78
OP2 CAR C 9 1.36 5.15 1.98
O5' CAR C 9 3.24 4.01 3.23
C5' CAR C 9 3.87 2.93 3.90
C4' CAR C 9 5.36 3.16 4.02
O4' CAR C 9 5.93 3.18 2.70
C3' CAR C 9 5.80 4.47 4.68
O3' CAR C 9 5.99 4.37 6.07
C2' CAR C 9 7.10 4.84 3.97
O2' CAR C 9 7.15 6.23 3.68
C1' CAR C 9 6.99 4.09 2.63
N1 CAR C 9 6.73 5.01 1.50
C2 CAR C 9 7.83 5.41 0.73
O2 CAR C 9 8.99 5.02 1.05
N3 CAR C 9 7.64 6.22 -0.34
C4 CAR C 9 6.39 6.63 -0.67
N4 CAR C 9 6.22 7.45 -1.74
C5 CAR C 9 5.30 6.25 0.08
C6 CAR C 9 5.49 5.42 1.18
H5' CAR C 9 3.44 2.82 4.89
H5'' CAR C 9 3.70 2.00 3.35
H4' CAR C 9 5.79 2.32 4.59
H3' CAR C 9 5.04 5.24 4.46
HO3' CAR C 9 5.46 4.93 6.68
H2' CAR C 9 7.97 4.50 4.54
HO2' CAR C 9 7.12 6.72 4.52
H1' CAR C 9 7.93 3.54 2.46
HN41 CAR C 9 7.02 7.74 -2.27
HN42 CAR C 9 5.29 7.76 -1.98
H5 CAR C 9 4.30 6.58 -0.19
H6 CAR C 9 4.64 5.08 1.77
C1 GOL D . -24.55 8.55 -8.12
O1 GOL D . -24.69 7.36 -7.37
C2 GOL D . -24.26 9.68 -7.14
O2 GOL D . -22.99 9.45 -6.56
C3 GOL D . -24.29 11.07 -7.79
O3 GOL D . -23.34 11.20 -8.82
H11 GOL D . -25.47 8.76 -8.66
H12 GOL D . -23.74 8.45 -8.83
HO1 GOL D . -24.94 6.62 -7.97
H2 GOL D . -25.02 9.66 -6.36
HO2 GOL D . -22.30 9.51 -7.24
H31 GOL D . -24.11 11.83 -7.03
H32 GOL D . -25.29 11.25 -8.20
HO3 GOL D . -23.63 10.68 -9.60
#